data_8UUV
#
_entry.id   8UUV
#
_cell.length_a   114.212
_cell.length_b   114.212
_cell.length_c   218.533
_cell.angle_alpha   90.000
_cell.angle_beta   90.000
_cell.angle_gamma   90.000
#
_symmetry.space_group_name_H-M   'I 41 2 2'
#
loop_
_entity.id
_entity.type
_entity.pdbx_description
1 polymer 'Papain-like protease nsp3'
2 non-polymer N-{(1R)-1-[(3P,5P)-3-(1-cyclopropyl-1H-pyrazol-4-yl)-5-(1-methyl-1H-pyrazol-4-yl)phenyl]ethyl}-5-[2-(dimethylamino)ethoxy]-2-methylbenzamide
3 non-polymer 'ZINC ION'
4 non-polymer 'CHLORIDE ION'
5 water water
#
_entity_poly.entity_id   1
_entity_poly.type   'polypeptide(L)'
_entity_poly.pdbx_seq_one_letter_code
;SNAEVRTIKVFTTVDNINLHTQVVDMSMTYGQQFGPTYLDGADVTKIKPHNSHEGKTFYVLPNDDTLRVEAFEYYHTTDP
SFLGRYMSALNHTKKWKYPQVNGLTSIKWADNNCYLATALLTLQQIELKFNPPALQDAYYRARAGEAANFCALILAYCNK
TVGELGDVRETMSYLFQHANLDSCKRVLNVVCKTCGQQQTTLKGVEAVMYMGTLSYEQFKKGVQIPCTCGKQATKYLVQQ
ESPFVMMSAPPAQYELKHGTFTCASEYTGNYQCGHYKHITSKETLYCIDGALLTKSSEYKGPITDVFYKENSYTTTIK
;
_entity_poly.pdbx_strand_id   A
#
# COMPACT_ATOMS: atom_id res chain seq x y z
N VAL A 10 10.00 20.23 26.93
CA VAL A 10 9.39 19.16 26.16
C VAL A 10 10.31 18.73 25.02
N PHE A 11 9.89 17.74 24.25
CA PHE A 11 10.65 17.23 23.13
C PHE A 11 9.89 17.48 21.82
N THR A 12 10.62 17.95 20.82
CA THR A 12 10.09 18.10 19.47
C THR A 12 10.91 17.26 18.51
N THR A 13 10.22 16.58 17.59
CA THR A 13 10.90 15.72 16.63
C THR A 13 10.07 15.64 15.36
N VAL A 14 10.72 15.22 14.28
CA VAL A 14 10.03 14.97 13.03
C VAL A 14 9.91 13.48 12.71
N ASP A 15 10.76 12.62 13.30
CA ASP A 15 10.77 11.20 13.00
C ASP A 15 10.42 10.31 14.17
N ASN A 16 10.21 10.89 15.36
CA ASN A 16 9.97 10.14 16.59
C ASN A 16 11.13 9.21 16.94
N ILE A 17 12.29 9.43 16.33
CA ILE A 17 13.50 8.67 16.63
C ILE A 17 14.52 9.54 17.35
N ASN A 18 14.90 10.65 16.75
CA ASN A 18 15.83 11.61 17.36
C ASN A 18 15.01 12.73 17.98
N LEU A 19 15.05 12.82 19.31
CA LEU A 19 14.28 13.83 20.03
C LEU A 19 15.14 15.05 20.30
N HIS A 20 14.60 16.23 20.00
CA HIS A 20 15.24 17.50 20.31
C HIS A 20 14.55 18.13 21.50
N THR A 21 15.33 18.48 22.52
CA THR A 21 14.76 19.05 23.73
C THR A 21 14.42 20.52 23.52
N GLN A 22 13.33 20.96 24.16
CA GLN A 22 12.87 22.33 24.06
C GLN A 22 12.22 22.74 25.38
N VAL A 23 12.24 24.04 25.64
CA VAL A 23 11.59 24.63 26.82
C VAL A 23 10.50 25.56 26.32
N VAL A 24 9.30 25.44 26.90
CA VAL A 24 8.13 26.16 26.41
C VAL A 24 7.70 27.19 27.44
N ASP A 25 6.93 28.16 26.96
CA ASP A 25 6.29 29.16 27.80
C ASP A 25 4.79 29.00 27.67
N MET A 26 4.09 29.02 28.81
CA MET A 26 2.64 28.80 28.81
C MET A 26 1.87 29.99 28.24
N SER A 27 2.49 31.17 28.16
CA SER A 27 1.80 32.35 27.65
C SER A 27 1.68 32.34 26.13
N MET A 28 2.66 31.76 25.43
CA MET A 28 2.63 31.65 23.99
C MET A 28 2.22 30.24 23.59
N THR A 29 1.27 30.13 22.66
CA THR A 29 0.82 28.84 22.20
C THR A 29 1.96 28.10 21.51
N TYR A 30 1.77 26.78 21.33
CA TYR A 30 2.78 25.97 20.67
C TYR A 30 3.04 26.46 19.25
N GLY A 31 2.00 26.91 18.55
CA GLY A 31 2.16 27.42 17.21
C GLY A 31 2.99 28.69 17.12
N GLN A 32 3.07 29.45 18.21
CA GLN A 32 3.91 30.65 18.20
C GLN A 32 5.40 30.31 18.32
N GLN A 33 5.72 29.27 19.09
CA GLN A 33 7.12 28.95 19.38
C GLN A 33 7.73 27.98 18.37
N PHE A 34 7.02 26.93 18.01
CA PHE A 34 7.57 25.87 17.18
C PHE A 34 6.94 25.78 15.79
N GLY A 35 6.02 26.68 15.46
CA GLY A 35 5.24 26.54 14.24
C GLY A 35 4.18 25.48 14.41
N PRO A 36 3.73 24.89 13.30
CA PRO A 36 2.71 23.83 13.39
C PRO A 36 3.24 22.65 14.20
N THR A 37 2.55 22.37 15.30
CA THR A 37 2.95 21.32 16.23
C THR A 37 1.79 20.34 16.43
N TYR A 38 2.11 19.06 16.55
CA TYR A 38 1.12 18.02 16.73
C TYR A 38 1.45 17.20 17.98
N LEU A 39 0.43 16.53 18.50
CA LEU A 39 0.57 15.63 19.65
C LEU A 39 -0.34 14.44 19.43
N ASP A 40 0.24 13.32 18.99
CA ASP A 40 -0.50 12.08 18.76
C ASP A 40 -1.60 12.27 17.73
N GLY A 41 -1.30 13.05 16.69
CA GLY A 41 -2.26 13.39 15.66
C GLY A 41 -3.06 14.64 15.94
N ALA A 42 -3.26 14.98 17.21
CA ALA A 42 -3.99 16.19 17.56
C ALA A 42 -3.14 17.42 17.27
N ASP A 43 -3.80 18.49 16.85
CA ASP A 43 -3.12 19.72 16.45
C ASP A 43 -3.05 20.67 17.65
N VAL A 44 -1.85 20.85 18.19
CA VAL A 44 -1.63 21.76 19.30
C VAL A 44 -1.10 23.12 18.83
N THR A 45 -1.21 23.41 17.52
CA THR A 45 -0.77 24.70 17.01
C THR A 45 -1.58 25.84 17.62
N LYS A 46 -2.91 25.66 17.72
CA LYS A 46 -3.79 26.66 18.28
C LYS A 46 -4.13 26.38 19.74
N ILE A 47 -3.31 25.58 20.43
CA ILE A 47 -3.55 25.20 21.82
C ILE A 47 -2.33 25.62 22.64
N LYS A 48 -2.57 26.41 23.68
CA LYS A 48 -1.49 26.84 24.56
C LYS A 48 -0.94 25.66 25.34
N PRO A 49 0.32 25.75 25.78
CA PRO A 49 0.90 24.67 26.60
C PRO A 49 0.16 24.50 27.92
N HIS A 50 -0.31 23.29 28.16
CA HIS A 50 -0.99 22.93 29.40
C HIS A 50 -0.02 22.25 30.36
N ASN A 51 -0.49 22.04 31.59
CA ASN A 51 0.34 21.40 32.61
C ASN A 51 0.30 19.88 32.53
N SER A 52 -0.72 19.30 31.89
CA SER A 52 -0.83 17.85 31.84
C SER A 52 0.33 17.21 31.10
N HIS A 53 0.80 17.87 30.04
CA HIS A 53 1.92 17.36 29.24
C HIS A 53 3.13 18.25 29.45
N GLU A 54 4.21 17.67 29.97
CA GLU A 54 5.47 18.38 30.13
C GLU A 54 6.59 17.37 29.93
N GLY A 55 7.60 17.77 29.16
CA GLY A 55 8.66 16.84 28.82
C GLY A 55 8.23 15.71 27.92
N LYS A 56 7.16 15.89 27.15
CA LYS A 56 6.65 14.87 26.25
C LYS A 56 7.04 15.18 24.82
N THR A 57 7.03 14.13 23.98
CA THR A 57 7.46 14.25 22.60
C THR A 57 6.36 14.86 21.75
N PHE A 58 6.75 15.82 20.89
CA PHE A 58 5.82 16.47 19.97
C PHE A 58 6.35 16.37 18.55
N TYR A 59 5.41 16.40 17.60
CA TYR A 59 5.73 16.41 16.17
C TYR A 59 5.67 17.84 15.66
N VAL A 60 6.75 18.28 15.02
CA VAL A 60 6.83 19.64 14.48
C VAL A 60 7.17 19.57 13.00
N LEU A 61 6.78 20.61 12.28
CA LEU A 61 7.17 20.74 10.88
C LEU A 61 8.64 21.12 10.78
N PRO A 62 9.33 20.62 9.75
CA PRO A 62 10.75 20.99 9.59
C PRO A 62 10.94 22.47 9.34
N ASN A 63 11.55 23.17 10.30
CA ASN A 63 11.81 24.60 10.19
C ASN A 63 13.29 24.95 10.04
N ASP A 64 14.19 24.05 10.41
CA ASP A 64 15.62 24.23 10.21
C ASP A 64 16.16 23.07 9.37
N ASP A 65 17.43 23.19 8.98
CA ASP A 65 17.99 22.20 8.06
C ASP A 65 18.22 20.87 8.74
N THR A 66 18.51 20.87 10.05
CA THR A 66 18.67 19.60 10.76
C THR A 66 17.36 18.80 10.74
N LEU A 67 16.25 19.46 11.03
CA LEU A 67 14.96 18.78 10.95
C LEU A 67 14.60 18.43 9.52
N ARG A 68 14.92 19.31 8.57
CA ARG A 68 14.65 19.03 7.17
C ARG A 68 15.37 17.76 6.70
N VAL A 69 16.61 17.57 7.14
CA VAL A 69 17.36 16.38 6.74
C VAL A 69 16.79 15.15 7.42
N GLU A 70 16.57 15.22 8.74
CA GLU A 70 16.00 14.09 9.45
C GLU A 70 14.65 13.70 8.88
N ALA A 71 13.84 14.69 8.48
CA ALA A 71 12.54 14.39 7.89
C ALA A 71 12.68 13.60 6.59
N PHE A 72 13.75 13.84 5.83
CA PHE A 72 13.94 13.07 4.62
C PHE A 72 14.50 11.68 4.92
N GLU A 73 15.41 11.59 5.91
CA GLU A 73 16.00 10.29 6.24
C GLU A 73 14.94 9.27 6.63
N TYR A 74 13.87 9.72 7.27
CA TYR A 74 12.84 8.80 7.76
C TYR A 74 11.70 8.62 6.78
N TYR A 75 11.27 9.69 6.09
CA TYR A 75 10.11 9.63 5.23
C TYR A 75 10.44 9.63 3.74
N HIS A 76 11.64 10.06 3.35
CA HIS A 76 12.06 10.11 1.95
C HIS A 76 11.15 11.03 1.12
N THR A 77 10.72 12.13 1.73
CA THR A 77 9.97 13.15 1.04
C THR A 77 10.32 14.51 1.62
N THR A 78 10.21 15.55 0.80
CA THR A 78 10.49 16.91 1.22
C THR A 78 9.28 17.82 1.14
N ASP A 79 8.11 17.29 0.77
CA ASP A 79 6.88 18.05 0.74
C ASP A 79 6.52 18.51 2.15
N PRO A 80 6.38 19.81 2.40
CA PRO A 80 5.99 20.25 3.74
C PRO A 80 4.59 19.81 4.14
N SER A 81 3.68 19.63 3.15
CA SER A 81 2.33 19.19 3.47
C SER A 81 2.29 17.75 3.95
N PHE A 82 3.33 16.96 3.68
CA PHE A 82 3.31 15.54 4.01
C PHE A 82 3.07 15.32 5.50
N LEU A 83 3.83 16.01 6.35
CA LEU A 83 3.72 15.81 7.78
C LEU A 83 2.33 16.15 8.28
N GLY A 84 1.73 17.23 7.76
CA GLY A 84 0.38 17.57 8.16
C GLY A 84 -0.64 16.53 7.74
N ARG A 85 -0.54 16.05 6.50
CA ARG A 85 -1.48 15.04 6.01
C ARG A 85 -1.33 13.74 6.78
N TYR A 86 -0.09 13.34 7.08
CA TYR A 86 0.14 12.14 7.87
C TYR A 86 -0.46 12.28 9.27
N MET A 87 -0.30 13.45 9.88
CA MET A 87 -0.81 13.65 11.24
C MET A 87 -2.34 13.71 11.26
N SER A 88 -2.97 14.19 10.20
CA SER A 88 -4.43 14.26 10.17
C SER A 88 -5.05 12.91 9.86
N ALA A 89 -4.39 12.08 9.06
CA ALA A 89 -4.88 10.73 8.83
C ALA A 89 -4.70 9.87 10.07
N LEU A 90 -3.60 10.07 10.79
CA LEU A 90 -3.34 9.28 12.00
C LEU A 90 -4.43 9.48 13.03
N ASN A 91 -5.00 10.69 13.12
CA ASN A 91 -6.05 10.95 14.10
C ASN A 91 -7.27 10.09 13.85
N HIS A 92 -7.51 9.68 12.61
CA HIS A 92 -8.60 8.75 12.33
C HIS A 92 -8.16 7.29 12.54
N THR A 93 -6.99 6.93 12.02
CA THR A 93 -6.58 5.53 12.01
C THR A 93 -6.33 5.00 13.41
N LYS A 94 -5.87 5.83 14.34
CA LYS A 94 -5.65 5.34 15.70
C LYS A 94 -6.96 5.09 16.44
N LYS A 95 -8.08 5.60 15.94
CA LYS A 95 -9.39 5.27 16.49
C LYS A 95 -9.99 4.02 15.88
N TRP A 96 -9.48 3.58 14.72
CA TRP A 96 -9.95 2.36 14.09
C TRP A 96 -9.56 1.13 14.92
N LYS A 97 -10.28 0.04 14.68
CA LYS A 97 -9.99 -1.24 15.30
C LYS A 97 -9.32 -2.15 14.27
N TYR A 98 -8.31 -2.91 14.72
CA TYR A 98 -7.47 -3.73 13.86
C TYR A 98 -7.52 -5.18 14.35
N PRO A 99 -8.61 -5.89 14.09
CA PRO A 99 -8.73 -7.27 14.56
C PRO A 99 -7.81 -8.21 13.80
N GLN A 100 -7.54 -9.36 14.43
CA GLN A 100 -6.73 -10.41 13.84
C GLN A 100 -7.67 -11.45 13.22
N VAL A 101 -7.69 -11.51 11.90
CA VAL A 101 -8.53 -12.43 11.15
C VAL A 101 -7.62 -13.43 10.46
N ASN A 102 -7.68 -14.70 10.87
CA ASN A 102 -6.94 -15.78 10.22
C ASN A 102 -5.44 -15.55 10.27
N GLY A 103 -4.96 -15.04 11.40
CA GLY A 103 -3.56 -14.74 11.57
C GLY A 103 -3.07 -13.49 10.87
N LEU A 104 -3.96 -12.74 10.23
CA LEU A 104 -3.63 -11.51 9.53
C LEU A 104 -4.29 -10.33 10.22
N THR A 105 -3.66 -9.16 10.10
CA THR A 105 -4.20 -7.93 10.67
C THR A 105 -5.10 -7.26 9.64
N SER A 106 -6.36 -7.05 10.01
CA SER A 106 -7.34 -6.40 9.15
C SER A 106 -7.82 -5.11 9.82
N ILE A 107 -8.84 -4.49 9.24
CA ILE A 107 -9.40 -3.24 9.74
C ILE A 107 -10.91 -3.36 9.78
N LYS A 108 -11.50 -3.18 10.96
CA LYS A 108 -12.95 -3.09 11.07
C LYS A 108 -13.46 -1.91 10.25
N TRP A 109 -14.60 -2.09 9.58
CA TRP A 109 -15.06 -1.12 8.61
C TRP A 109 -15.32 0.23 9.25
N ALA A 110 -14.75 1.27 8.64
CA ALA A 110 -14.90 2.65 9.07
C ALA A 110 -14.31 3.61 8.05
N ASP A 111 -15.10 4.59 7.61
CA ASP A 111 -14.62 5.68 6.76
C ASP A 111 -14.09 5.16 5.42
N ASN A 112 -14.88 4.29 4.79
CA ASN A 112 -14.57 3.76 3.45
C ASN A 112 -13.19 3.11 3.38
N ASN A 113 -12.77 2.44 4.46
CA ASN A 113 -11.46 1.81 4.54
C ASN A 113 -11.42 0.42 3.89
N CYS A 114 -12.43 0.07 3.08
CA CYS A 114 -12.46 -1.26 2.50
C CYS A 114 -11.23 -1.51 1.63
N TYR A 115 -10.80 -0.51 0.86
CA TYR A 115 -9.62 -0.70 0.01
C TYR A 115 -8.34 -0.74 0.85
N LEU A 116 -8.32 -0.04 1.99
CA LEU A 116 -7.15 -0.09 2.86
C LEU A 116 -7.01 -1.47 3.50
N ALA A 117 -8.12 -2.06 3.93
CA ALA A 117 -8.05 -3.39 4.54
C ALA A 117 -7.54 -4.43 3.54
N THR A 118 -8.02 -4.38 2.31
CA THR A 118 -7.57 -5.33 1.30
C THR A 118 -6.09 -5.19 1.01
N ALA A 119 -5.60 -3.94 0.91
CA ALA A 119 -4.18 -3.71 0.69
C ALA A 119 -3.36 -4.17 1.88
N LEU A 120 -3.83 -3.87 3.10
CA LEU A 120 -3.11 -4.30 4.29
C LEU A 120 -3.02 -5.81 4.37
N LEU A 121 -4.12 -6.51 4.10
CA LEU A 121 -4.10 -7.97 4.10
C LEU A 121 -3.18 -8.51 3.01
N THR A 122 -3.16 -7.83 1.86
CA THR A 122 -2.30 -8.27 0.77
C THR A 122 -0.83 -8.07 1.09
N LEU A 123 -0.49 -6.95 1.75
CA LEU A 123 0.91 -6.67 2.06
C LEU A 123 1.49 -7.66 3.05
N GLN A 124 0.66 -8.21 3.95
CA GLN A 124 1.11 -9.24 4.86
C GLN A 124 1.34 -10.58 4.19
N GLN A 125 1.11 -10.67 2.87
CA GLN A 125 1.23 -11.94 2.15
C GLN A 125 2.19 -11.89 0.98
N ILE A 126 2.71 -10.71 0.61
CA ILE A 126 3.70 -10.59 -0.45
C ILE A 126 5.01 -10.13 0.15
N GLU A 127 6.11 -10.48 -0.51
CA GLU A 127 7.44 -10.12 -0.05
C GLU A 127 7.76 -8.71 -0.53
N LEU A 128 7.90 -7.77 0.42
CA LEU A 128 8.08 -6.37 0.05
C LEU A 128 8.99 -5.70 1.07
N LYS A 129 9.92 -4.87 0.57
CA LYS A 129 10.82 -4.08 1.40
C LYS A 129 10.64 -2.62 1.02
N PHE A 130 10.21 -1.81 1.99
CA PHE A 130 9.99 -0.39 1.75
C PHE A 130 11.28 0.40 1.94
N ASN A 131 11.49 1.38 1.08
CA ASN A 131 12.69 2.21 1.12
C ASN A 131 12.61 3.25 2.24
N PRO A 132 11.51 3.99 2.40
CA PRO A 132 11.40 4.92 3.54
C PRO A 132 11.40 4.17 4.85
N PRO A 133 12.34 4.48 5.75
CA PRO A 133 12.34 3.82 7.07
C PRO A 133 11.02 3.94 7.81
N ALA A 134 10.31 5.05 7.65
CA ALA A 134 9.01 5.20 8.29
C ALA A 134 8.01 4.16 7.77
N LEU A 135 8.04 3.90 6.47
CA LEU A 135 7.15 2.88 5.91
C LEU A 135 7.51 1.49 6.40
N GLN A 136 8.80 1.16 6.42
CA GLN A 136 9.22 -0.18 6.82
C GLN A 136 8.97 -0.41 8.31
N ASP A 137 9.26 0.58 9.15
CA ASP A 137 9.05 0.41 10.59
C ASP A 137 7.58 0.22 10.91
N ALA A 138 6.70 1.00 10.26
CA ALA A 138 5.27 0.81 10.47
C ALA A 138 4.76 -0.48 9.83
N TYR A 139 5.39 -0.90 8.73
CA TYR A 139 5.06 -2.18 8.12
C TYR A 139 5.27 -3.32 9.12
N TYR A 140 6.41 -3.32 9.80
CA TYR A 140 6.68 -4.34 10.82
C TYR A 140 5.64 -4.29 11.93
N ARG A 141 5.41 -3.11 12.49
CA ARG A 141 4.45 -2.98 13.58
C ARG A 141 3.02 -3.27 13.15
N ALA A 142 2.72 -3.16 11.85
CA ALA A 142 1.40 -3.55 11.37
C ALA A 142 1.24 -5.06 11.38
N ARG A 143 2.27 -5.79 10.93
CA ARG A 143 2.21 -7.25 10.98
C ARG A 143 2.02 -7.76 12.40
N ALA A 144 2.48 -6.99 13.39
CA ALA A 144 2.30 -7.36 14.79
C ALA A 144 0.89 -7.08 15.29
N GLY A 145 0.13 -6.23 14.61
CA GLY A 145 -1.23 -5.93 15.00
C GLY A 145 -1.52 -4.47 15.29
N GLU A 146 -0.54 -3.58 15.21
CA GLU A 146 -0.73 -2.14 15.45
C GLU A 146 -0.44 -1.41 14.14
N ALA A 147 -1.46 -1.33 13.28
CA ALA A 147 -1.31 -0.81 11.93
C ALA A 147 -1.76 0.64 11.81
N ALA A 148 -1.98 1.34 12.93
CA ALA A 148 -2.48 2.71 12.86
C ALA A 148 -1.52 3.61 12.10
N ASN A 149 -0.25 3.64 12.52
CA ASN A 149 0.73 4.48 11.85
C ASN A 149 0.96 4.04 10.41
N PHE A 150 0.81 2.74 10.13
CA PHE A 150 1.02 2.26 8.76
C PHE A 150 -0.10 2.73 7.84
N CYS A 151 -1.35 2.63 8.29
CA CYS A 151 -2.46 3.09 7.46
C CYS A 151 -2.41 4.60 7.25
N ALA A 152 -2.03 5.35 8.28
CA ALA A 152 -1.85 6.79 8.12
C ALA A 152 -0.78 7.10 7.08
N LEU A 153 0.35 6.40 7.17
CA LEU A 153 1.43 6.63 6.21
C LEU A 153 1.02 6.27 4.79
N ILE A 154 0.27 5.18 4.64
CA ILE A 154 -0.20 4.79 3.31
C ILE A 154 -1.04 5.92 2.70
N LEU A 155 -1.91 6.52 3.50
CA LEU A 155 -2.73 7.62 2.99
C LEU A 155 -1.89 8.82 2.60
N ALA A 156 -0.93 9.19 3.45
CA ALA A 156 -0.09 10.37 3.16
C ALA A 156 0.74 10.16 1.90
N TYR A 157 1.35 8.98 1.77
CA TYR A 157 2.17 8.71 0.60
C TYR A 157 1.34 8.59 -0.68
N CYS A 158 0.03 8.37 -0.56
CA CYS A 158 -0.84 8.23 -1.72
C CYS A 158 -1.65 9.48 -2.00
N ASN A 159 -1.44 10.55 -1.24
CA ASN A 159 -2.17 11.82 -1.41
C ASN A 159 -3.68 11.62 -1.34
N LYS A 160 -4.12 10.65 -0.54
CA LYS A 160 -5.53 10.39 -0.28
C LYS A 160 -5.85 10.76 1.16
N THR A 161 -7.12 11.04 1.41
CA THR A 161 -7.60 11.40 2.72
C THR A 161 -8.51 10.31 3.27
N VAL A 162 -8.75 10.37 4.59
CA VAL A 162 -9.71 9.47 5.20
C VAL A 162 -11.09 9.74 4.63
N GLY A 163 -11.82 8.67 4.30
CA GLY A 163 -13.12 8.76 3.69
C GLY A 163 -13.08 8.76 2.18
N GLU A 164 -12.00 9.24 1.57
CA GLU A 164 -11.89 9.25 0.12
C GLU A 164 -11.90 7.81 -0.42
N LEU A 165 -12.40 7.67 -1.64
CA LEU A 165 -12.54 6.36 -2.26
C LEU A 165 -11.23 5.94 -2.92
N GLY A 166 -10.80 4.72 -2.66
CA GLY A 166 -9.49 4.24 -3.09
C GLY A 166 -9.59 2.98 -3.93
N ASP A 167 -8.70 2.89 -4.92
CA ASP A 167 -8.56 1.71 -5.76
C ASP A 167 -7.34 0.92 -5.28
N VAL A 168 -7.54 -0.38 -5.02
CA VAL A 168 -6.46 -1.19 -4.46
C VAL A 168 -5.29 -1.28 -5.43
N ARG A 169 -5.58 -1.47 -6.72
CA ARG A 169 -4.51 -1.52 -7.72
C ARG A 169 -3.70 -0.23 -7.73
N GLU A 170 -4.38 0.92 -7.63
CA GLU A 170 -3.68 2.20 -7.61
C GLU A 170 -2.92 2.40 -6.31
N THR A 171 -3.46 1.92 -5.19
CA THR A 171 -2.76 2.05 -3.93
C THR A 171 -1.51 1.19 -3.89
N MET A 172 -1.60 -0.06 -4.36
CA MET A 172 -0.43 -0.93 -4.39
C MET A 172 0.66 -0.35 -5.28
N SER A 173 0.27 0.32 -6.37
CA SER A 173 1.26 0.89 -7.27
C SER A 173 2.09 1.96 -6.58
N TYR A 174 1.43 2.91 -5.91
CA TYR A 174 2.16 3.97 -5.21
C TYR A 174 3.06 3.40 -4.12
N LEU A 175 2.61 2.33 -3.46
CA LEU A 175 3.45 1.68 -2.45
C LEU A 175 4.64 0.98 -3.09
N PHE A 176 4.45 0.38 -4.27
CA PHE A 176 5.54 -0.30 -4.95
C PHE A 176 6.61 0.67 -5.41
N GLN A 177 6.24 1.90 -5.74
CA GLN A 177 7.23 2.90 -6.16
C GLN A 177 8.10 3.37 -5.01
N HIS A 178 7.68 3.14 -3.76
CA HIS A 178 8.49 3.41 -2.59
C HIS A 178 9.06 2.12 -1.99
N ALA A 179 9.03 1.03 -2.75
CA ALA A 179 9.58 -0.25 -2.32
C ALA A 179 10.77 -0.61 -3.19
N ASN A 180 11.63 -1.48 -2.65
CA ASN A 180 12.83 -1.93 -3.36
C ASN A 180 12.43 -3.05 -4.31
N LEU A 181 12.01 -2.67 -5.51
CA LEU A 181 11.73 -3.61 -6.58
C LEU A 181 12.75 -3.51 -7.71
N ASP A 182 13.95 -3.00 -7.41
CA ASP A 182 14.98 -2.86 -8.43
C ASP A 182 15.45 -4.22 -8.95
N SER A 183 15.43 -5.24 -8.09
CA SER A 183 15.83 -6.58 -8.49
C SER A 183 14.80 -7.27 -9.37
N CYS A 184 13.60 -6.71 -9.50
CA CYS A 184 12.55 -7.34 -10.28
C CYS A 184 12.72 -7.04 -11.76
N LYS A 185 12.36 -8.01 -12.60
CA LYS A 185 12.58 -7.93 -14.03
C LYS A 185 11.50 -8.73 -14.76
N ARG A 186 11.03 -8.18 -15.88
CA ARG A 186 10.06 -8.87 -16.72
C ARG A 186 10.46 -8.69 -18.18
N VAL A 187 10.59 -9.80 -18.90
CA VAL A 187 10.93 -9.79 -20.31
C VAL A 187 9.70 -10.22 -21.09
N LEU A 188 9.25 -9.37 -22.02
CA LEU A 188 8.09 -9.63 -22.83
C LEU A 188 8.49 -9.68 -24.31
N ASN A 189 7.68 -10.40 -25.09
CA ASN A 189 7.87 -10.50 -26.53
C ASN A 189 6.54 -10.30 -27.21
N VAL A 190 6.51 -9.42 -28.21
CA VAL A 190 5.30 -9.08 -28.95
C VAL A 190 5.47 -9.58 -30.38
N VAL A 191 4.48 -10.32 -30.88
CA VAL A 191 4.57 -10.96 -32.18
C VAL A 191 3.42 -10.48 -33.04
N CYS A 192 3.67 -9.47 -33.86
CA CYS A 192 2.79 -9.09 -34.96
C CYS A 192 3.35 -9.69 -36.23
N LYS A 193 2.45 -10.25 -37.05
CA LYS A 193 2.91 -10.99 -38.24
C LYS A 193 3.64 -10.07 -39.21
N THR A 194 3.12 -8.87 -39.42
CA THR A 194 3.79 -7.93 -40.31
C THR A 194 5.05 -7.36 -39.66
N CYS A 195 4.93 -6.92 -38.40
CA CYS A 195 6.06 -6.27 -37.73
C CYS A 195 7.14 -7.27 -37.36
N GLY A 196 6.76 -8.45 -36.86
CA GLY A 196 7.73 -9.46 -36.50
C GLY A 196 7.73 -9.82 -35.03
N GLN A 197 8.89 -9.75 -34.39
CA GLN A 197 9.04 -10.04 -32.97
C GLN A 197 9.80 -8.90 -32.30
N GLN A 198 9.21 -8.34 -31.26
CA GLN A 198 9.80 -7.25 -30.49
C GLN A 198 9.95 -7.68 -29.04
N GLN A 199 11.16 -7.52 -28.51
CA GLN A 199 11.49 -7.94 -27.15
C GLN A 199 11.65 -6.70 -26.27
N THR A 200 10.76 -6.54 -25.30
CA THR A 200 10.83 -5.46 -24.33
C THR A 200 11.11 -6.03 -22.94
N THR A 201 11.84 -5.26 -22.13
CA THR A 201 12.31 -5.72 -20.82
C THR A 201 11.93 -4.67 -19.77
N LEU A 202 10.84 -4.93 -19.05
CA LEU A 202 10.41 -4.04 -17.99
C LEU A 202 11.16 -4.35 -16.69
N LYS A 203 11.36 -3.31 -15.88
CA LYS A 203 12.04 -3.46 -14.60
C LYS A 203 11.33 -2.61 -13.56
N GLY A 204 11.44 -3.04 -12.30
CA GLY A 204 10.84 -2.31 -11.20
C GLY A 204 9.35 -2.54 -11.06
N VAL A 205 8.59 -1.46 -10.86
CA VAL A 205 7.16 -1.58 -10.60
C VAL A 205 6.43 -2.15 -11.82
N GLU A 206 6.90 -1.83 -13.03
CA GLU A 206 6.25 -2.34 -14.22
C GLU A 206 6.47 -3.83 -14.42
N ALA A 207 7.52 -4.40 -13.81
CA ALA A 207 7.78 -5.83 -13.92
C ALA A 207 6.83 -6.66 -13.06
N VAL A 208 6.11 -6.04 -12.14
CA VAL A 208 5.28 -6.76 -11.18
C VAL A 208 3.80 -6.66 -11.51
N MET A 209 3.35 -5.58 -12.14
CA MET A 209 1.93 -5.34 -12.38
C MET A 209 1.61 -5.45 -13.86
N TYR A 210 0.46 -6.04 -14.16
CA TYR A 210 -0.08 -6.04 -15.51
C TYR A 210 -1.58 -5.84 -15.45
N MET A 211 -2.10 -4.92 -16.25
CA MET A 211 -3.52 -4.67 -16.37
C MET A 211 -4.04 -5.32 -17.64
N GLY A 212 -5.17 -6.02 -17.54
CA GLY A 212 -5.75 -6.66 -18.70
C GLY A 212 -6.37 -8.00 -18.40
N THR A 213 -5.60 -8.90 -17.81
CA THR A 213 -6.07 -10.24 -17.46
C THR A 213 -5.72 -10.54 -16.02
N LEU A 214 -6.53 -11.40 -15.39
CA LEU A 214 -6.27 -11.85 -14.03
C LEU A 214 -5.44 -13.11 -13.98
N SER A 215 -5.51 -13.95 -15.01
CA SER A 215 -4.85 -15.24 -15.01
C SER A 215 -3.37 -15.07 -15.34
N TYR A 216 -2.51 -15.44 -14.39
CA TYR A 216 -1.07 -15.47 -14.66
C TYR A 216 -0.76 -16.45 -15.79
N GLU A 217 -1.52 -17.56 -15.86
CA GLU A 217 -1.30 -18.54 -16.92
C GLU A 217 -1.58 -17.94 -18.29
N GLN A 218 -2.69 -17.20 -18.41
CA GLN A 218 -3.03 -16.57 -19.69
C GLN A 218 -1.98 -15.55 -20.09
N PHE A 219 -1.35 -14.89 -19.11
CA PHE A 219 -0.24 -13.99 -19.43
C PHE A 219 0.94 -14.78 -19.99
N LYS A 220 1.20 -15.96 -19.45
CA LYS A 220 2.28 -16.80 -19.96
C LYS A 220 1.97 -17.34 -21.35
N LYS A 221 0.70 -17.70 -21.59
CA LYS A 221 0.32 -18.20 -22.90
C LYS A 221 0.39 -17.10 -23.96
N GLY A 222 -0.14 -15.92 -23.64
CA GLY A 222 -0.13 -14.81 -24.57
C GLY A 222 -1.45 -14.05 -24.59
N VAL A 223 -1.37 -12.73 -24.50
CA VAL A 223 -2.53 -11.86 -24.49
C VAL A 223 -2.56 -11.08 -25.80
N GLN A 224 -3.76 -10.90 -26.35
CA GLN A 224 -3.93 -10.19 -27.61
C GLN A 224 -3.87 -8.69 -27.36
N ILE A 225 -2.78 -8.06 -27.79
CA ILE A 225 -2.61 -6.62 -27.62
C ILE A 225 -2.56 -5.95 -28.98
N PRO A 226 -2.93 -4.68 -29.10
CA PRO A 226 -2.75 -3.96 -30.35
C PRO A 226 -1.28 -3.67 -30.62
N CYS A 227 -0.93 -3.63 -31.90
CA CYS A 227 0.41 -3.29 -32.35
C CYS A 227 0.34 -2.05 -33.25
N THR A 228 1.52 -1.52 -33.59
CA THR A 228 1.56 -0.37 -34.48
C THR A 228 0.97 -0.70 -35.84
N CYS A 229 0.99 -1.97 -36.24
CA CYS A 229 0.38 -2.39 -37.49
C CYS A 229 -1.13 -2.24 -37.44
N GLN A 232 -3.27 -5.98 -34.59
CA GLN A 232 -3.31 -6.83 -33.40
C GLN A 232 -2.14 -7.80 -33.37
N ALA A 233 -1.44 -7.84 -32.23
CA ALA A 233 -0.33 -8.76 -32.05
C ALA A 233 -0.59 -9.68 -30.86
N THR A 234 0.48 -10.27 -30.31
CA THR A 234 0.35 -11.15 -29.15
C THR A 234 1.52 -10.90 -28.22
N LYS A 235 1.22 -10.64 -26.95
CA LYS A 235 2.22 -10.41 -25.92
C LYS A 235 2.20 -11.58 -24.94
N TYR A 236 3.33 -12.26 -24.81
CA TYR A 236 3.48 -13.35 -23.86
C TYR A 236 4.69 -13.08 -22.97
N LEU A 237 4.70 -13.73 -21.81
CA LEU A 237 5.77 -13.55 -20.84
C LEU A 237 6.94 -14.46 -21.17
N VAL A 238 8.13 -13.89 -21.27
CA VAL A 238 9.34 -14.63 -21.62
C VAL A 238 10.12 -15.03 -20.37
N GLN A 239 10.44 -14.05 -19.51
CA GLN A 239 11.17 -14.31 -18.28
C GLN A 239 10.70 -13.35 -17.22
N GLN A 240 10.49 -13.86 -16.00
CA GLN A 240 9.96 -13.07 -14.90
C GLN A 240 10.75 -13.41 -13.64
N GLU A 241 11.53 -12.45 -13.13
CA GLU A 241 12.25 -12.58 -11.88
C GLU A 241 11.67 -11.57 -10.90
N SER A 242 10.84 -12.03 -9.97
CA SER A 242 10.21 -11.17 -8.98
C SER A 242 9.62 -12.03 -7.86
N PRO A 243 9.61 -11.54 -6.61
CA PRO A 243 9.02 -12.33 -5.53
C PRO A 243 7.51 -12.50 -5.63
N PHE A 244 6.85 -11.78 -6.53
CA PHE A 244 5.41 -11.90 -6.74
C PHE A 244 5.06 -11.15 -8.00
N VAL A 245 3.83 -11.38 -8.48
CA VAL A 245 3.27 -10.63 -9.60
C VAL A 245 1.84 -10.26 -9.26
N MET A 246 1.42 -9.07 -9.69
CA MET A 246 0.05 -8.61 -9.52
C MET A 246 -0.62 -8.62 -10.89
N MET A 247 -1.74 -9.33 -10.99
CA MET A 247 -2.55 -9.36 -12.20
C MET A 247 -3.85 -8.63 -11.93
N SER A 248 -4.08 -7.56 -12.67
CA SER A 248 -5.27 -6.73 -12.49
C SER A 248 -6.10 -6.73 -13.77
N ALA A 249 -7.39 -6.44 -13.60
CA ALA A 249 -8.34 -6.40 -14.70
C ALA A 249 -9.60 -5.71 -14.19
N PRO A 250 -10.39 -5.12 -15.08
CA PRO A 250 -11.66 -4.54 -14.65
C PRO A 250 -12.52 -5.59 -13.98
N PRO A 251 -13.34 -5.21 -13.02
CA PRO A 251 -14.10 -6.20 -12.25
C PRO A 251 -14.99 -7.05 -13.14
N ALA A 252 -14.83 -8.37 -13.03
CA ALA A 252 -15.61 -9.32 -13.80
C ALA A 252 -15.70 -10.61 -13.02
N GLN A 253 -16.69 -11.44 -13.37
CA GLN A 253 -16.89 -12.71 -12.69
C GLN A 253 -15.73 -13.65 -12.98
N TYR A 254 -15.22 -14.29 -11.93
CA TYR A 254 -14.03 -15.11 -12.02
C TYR A 254 -14.14 -16.23 -10.98
N GLU A 255 -13.58 -17.39 -11.30
CA GLU A 255 -13.57 -18.53 -10.39
C GLU A 255 -12.17 -18.67 -9.81
N LEU A 256 -12.06 -18.55 -8.49
CA LEU A 256 -10.80 -18.73 -7.78
C LEU A 256 -10.73 -20.16 -7.28
N LYS A 257 -9.67 -20.87 -7.66
CA LYS A 257 -9.46 -22.26 -7.25
C LYS A 257 -8.46 -22.30 -6.11
N HIS A 258 -8.74 -23.14 -5.11
CA HIS A 258 -7.87 -23.25 -3.94
C HIS A 258 -6.50 -23.77 -4.33
N GLY A 259 -5.46 -22.99 -4.04
CA GLY A 259 -4.09 -23.39 -4.25
C GLY A 259 -3.43 -22.79 -5.48
N THR A 260 -4.17 -22.04 -6.30
CA THR A 260 -3.65 -21.51 -7.55
C THR A 260 -3.21 -20.06 -7.46
N PHE A 261 -3.42 -19.40 -6.31
CA PHE A 261 -3.06 -18.01 -6.15
C PHE A 261 -2.74 -17.76 -4.68
N THR A 262 -2.29 -16.53 -4.39
CA THR A 262 -1.99 -16.15 -3.02
C THR A 262 -3.17 -15.40 -2.39
N CYS A 263 -3.60 -14.31 -3.03
CA CYS A 263 -4.75 -13.54 -2.55
C CYS A 263 -5.32 -12.74 -3.70
N ALA A 264 -6.52 -12.21 -3.50
CA ALA A 264 -7.24 -11.52 -4.56
C ALA A 264 -8.12 -10.42 -3.97
N SER A 265 -8.50 -9.49 -4.84
CA SER A 265 -9.39 -8.38 -4.49
C SER A 265 -10.73 -8.57 -5.18
N GLU A 266 -11.79 -8.70 -4.38
CA GLU A 266 -13.14 -8.73 -4.90
C GLU A 266 -13.75 -7.34 -4.83
N TYR A 267 -14.42 -6.92 -5.91
CA TYR A 267 -15.02 -5.61 -5.98
C TYR A 267 -16.46 -5.75 -6.45
N THR A 268 -17.41 -5.39 -5.58
CA THR A 268 -18.83 -5.43 -5.88
C THR A 268 -19.38 -4.00 -5.78
N GLY A 269 -19.95 -3.51 -6.87
CA GLY A 269 -20.61 -2.23 -6.87
C GLY A 269 -20.22 -1.41 -8.07
N ASN A 270 -20.67 -0.16 -8.06
CA ASN A 270 -20.40 0.76 -9.17
C ASN A 270 -18.98 1.28 -9.10
N TYR A 271 -18.53 1.86 -10.22
CA TYR A 271 -17.23 2.50 -10.30
C TYR A 271 -17.06 3.49 -9.16
N GLN A 272 -15.98 3.32 -8.39
CA GLN A 272 -15.57 4.20 -7.30
C GLN A 272 -16.47 4.07 -6.07
N CYS A 273 -17.77 3.85 -6.27
CA CYS A 273 -18.71 3.75 -5.15
C CYS A 273 -18.68 2.38 -4.49
N GLY A 274 -18.27 1.34 -5.22
CA GLY A 274 -18.34 -0.05 -4.71
C GLY A 274 -17.56 -0.34 -3.45
N HIS A 275 -17.57 -1.60 -3.01
CA HIS A 275 -16.92 -1.97 -1.73
C HIS A 275 -15.97 -3.14 -2.00
N TYR A 276 -14.84 -3.18 -1.27
CA TYR A 276 -13.80 -4.21 -1.56
C TYR A 276 -13.79 -5.35 -0.55
N LYS A 277 -13.51 -6.57 -1.02
CA LYS A 277 -13.32 -7.73 -0.15
C LYS A 277 -12.02 -8.42 -0.52
N HIS A 278 -11.47 -9.15 0.44
CA HIS A 278 -10.19 -9.82 0.31
C HIS A 278 -10.38 -11.33 0.38
N ILE A 279 -9.90 -12.04 -0.63
CA ILE A 279 -9.92 -13.49 -0.67
C ILE A 279 -8.49 -14.00 -0.64
N THR A 280 -8.20 -14.93 0.26
CA THR A 280 -6.87 -15.50 0.40
C THR A 280 -6.96 -17.02 0.39
N SER A 281 -5.93 -17.64 -0.17
CA SER A 281 -5.89 -19.09 -0.36
C SER A 281 -4.98 -19.71 0.70
N LYS A 282 -5.60 -20.26 1.74
CA LYS A 282 -4.86 -20.96 2.77
C LYS A 282 -5.08 -22.45 2.62
N GLU A 283 -5.40 -23.15 3.71
CA GLU A 283 -5.80 -24.55 3.56
C GLU A 283 -7.13 -24.66 2.83
N THR A 284 -7.91 -23.58 2.85
CA THR A 284 -9.14 -23.45 2.08
C THR A 284 -9.30 -21.97 1.77
N LEU A 285 -10.24 -21.65 0.89
CA LEU A 285 -10.44 -20.27 0.49
C LEU A 285 -11.12 -19.49 1.61
N TYR A 286 -10.46 -18.43 2.06
CA TYR A 286 -10.99 -17.53 3.08
C TYR A 286 -11.38 -16.19 2.45
N CYS A 287 -12.37 -15.54 3.05
CA CYS A 287 -12.85 -14.24 2.59
C CYS A 287 -12.91 -13.31 3.78
N ILE A 288 -12.13 -12.22 3.74
CA ILE A 288 -12.02 -11.29 4.85
C ILE A 288 -12.64 -9.97 4.42
N ASP A 289 -13.74 -9.60 5.09
CA ASP A 289 -14.43 -8.33 4.88
C ASP A 289 -14.31 -7.54 6.18
N GLY A 290 -13.17 -6.90 6.38
CA GLY A 290 -12.93 -6.17 7.61
C GLY A 290 -12.69 -7.09 8.79
N ALA A 291 -13.66 -7.16 9.70
CA ALA A 291 -13.60 -8.05 10.84
C ALA A 291 -14.35 -9.35 10.61
N LEU A 292 -14.94 -9.53 9.43
CA LEU A 292 -15.77 -10.68 9.12
C LEU A 292 -14.97 -11.69 8.32
N LEU A 293 -15.21 -12.98 8.59
CA LEU A 293 -14.49 -14.07 7.94
C LEU A 293 -15.47 -15.15 7.52
N THR A 294 -15.39 -15.54 6.25
CA THR A 294 -16.22 -16.62 5.70
C THR A 294 -15.33 -17.61 4.97
N LYS A 295 -15.69 -18.89 5.07
CA LYS A 295 -14.89 -19.99 4.54
C LYS A 295 -15.64 -20.71 3.43
N SER A 296 -14.93 -21.09 2.38
CA SER A 296 -15.50 -21.86 1.29
C SER A 296 -14.40 -22.63 0.59
N SER A 297 -14.79 -23.68 -0.14
CA SER A 297 -13.84 -24.50 -0.89
C SER A 297 -13.57 -23.95 -2.28
N GLU A 298 -14.60 -23.38 -2.92
CA GLU A 298 -14.45 -22.70 -4.18
C GLU A 298 -15.03 -21.29 -4.05
N TYR A 299 -14.60 -20.40 -4.94
CA TYR A 299 -15.09 -19.03 -4.93
C TYR A 299 -15.41 -18.59 -6.36
N LYS A 300 -16.59 -18.01 -6.54
CA LYS A 300 -16.99 -17.40 -7.79
C LYS A 300 -17.54 -16.02 -7.48
N GLY A 301 -16.94 -14.99 -8.07
CA GLY A 301 -17.32 -13.62 -7.80
C GLY A 301 -16.56 -12.62 -8.65
N PRO A 302 -16.86 -11.33 -8.46
CA PRO A 302 -16.22 -10.29 -9.26
C PRO A 302 -14.84 -9.90 -8.74
N ILE A 303 -13.80 -10.37 -9.43
CA ILE A 303 -12.42 -10.16 -9.01
C ILE A 303 -11.78 -9.11 -9.91
N THR A 304 -10.95 -8.25 -9.33
CA THR A 304 -10.23 -7.24 -10.10
C THR A 304 -8.71 -7.32 -9.95
N ASP A 305 -8.20 -7.90 -8.87
CA ASP A 305 -6.77 -8.10 -8.68
C ASP A 305 -6.53 -9.50 -8.14
N VAL A 306 -5.48 -10.16 -8.64
CA VAL A 306 -5.05 -11.46 -8.14
C VAL A 306 -3.54 -11.43 -7.97
N PHE A 307 -3.07 -11.80 -6.78
CA PHE A 307 -1.65 -11.81 -6.45
C PHE A 307 -1.13 -13.24 -6.51
N TYR A 308 -0.11 -13.46 -7.35
CA TYR A 308 0.52 -14.75 -7.51
C TYR A 308 1.93 -14.72 -6.93
N LYS A 309 2.39 -15.87 -6.44
CA LYS A 309 3.74 -15.99 -5.94
C LYS A 309 4.67 -16.50 -7.03
N GLU A 310 5.85 -15.90 -7.11
CA GLU A 310 6.84 -16.24 -8.12
C GLU A 310 8.23 -16.05 -7.52
N ASN A 311 9.20 -16.79 -8.05
CA ASN A 311 10.60 -16.59 -7.72
C ASN A 311 11.43 -16.34 -8.98
N SER A 312 11.41 -17.29 -9.92
CA SER A 312 12.01 -17.09 -11.23
C SER A 312 11.22 -17.91 -12.23
N TYR A 313 11.26 -17.49 -13.49
CA TYR A 313 10.48 -18.15 -14.53
C TYR A 313 11.07 -17.82 -15.89
N THR A 314 11.13 -18.82 -16.76
CA THR A 314 11.56 -18.64 -18.14
C THR A 314 10.69 -19.52 -19.02
N THR A 315 10.11 -18.93 -20.06
CA THR A 315 9.15 -19.65 -20.90
C THR A 315 9.82 -20.79 -21.65
N THR A 316 9.00 -21.75 -22.07
CA THR A 316 9.48 -22.89 -22.84
C THR A 316 9.51 -22.61 -24.34
N ILE A 317 8.59 -21.78 -24.84
CA ILE A 317 8.55 -21.44 -26.25
C ILE A 317 9.62 -20.41 -26.57
N LYS A 318 10.31 -20.60 -27.69
CA LYS A 318 11.38 -19.70 -28.09
C LYS A 318 11.23 -19.27 -29.55
#